data_5KSX
#
_entry.id   5KSX
#
_cell.length_a   110.480
_cell.length_b   110.480
_cell.length_c   75.200
_cell.angle_alpha   90.00
_cell.angle_beta   90.00
_cell.angle_gamma   90.00
#
_symmetry.space_group_name_H-M   'P 41 21 2'
#
loop_
_entity.id
_entity.type
_entity.pdbx_description
1 polymer 'Farnesyl pyrophosphate synthase'
2 non-polymer 'PHOSPHATE ION'
3 non-polymer '[[(2~{S})-2-[[6-(4-methylphenyl)thieno[2,3-d]pyrimidin-4-yl]amino]-3-phenyl-propanoyl]amino]phosphonic acid'
4 water water
#
_entity_poly.entity_id   1
_entity_poly.type   'polypeptide(L)'
_entity_poly.pdbx_seq_one_letter_code
;MGSSHHHHHHSSGRENLYFQGHMNGDQNSDVYAQEKQDFVQHFSQIVRVLTEDEMGHPEIGDAIARLKEVLEYNAIGGKY
NRGLTVVVAFRELVEPRKQDADSLQRAWTVGWCVELLQAFFLVADDIMDSSLTRRGQICWYQKPGVGLDAINDANLLEAC
IYRLLKLYCREQPYYLNLIELFLQSSYQTEIGQTLDLLTAPQGNVDLVRFTEKRYKSIVKYKTAFYSFYLPIAAAMYMAG
IDGEKEHANAKKILLEMGEFFQIQDDYLDLFGDPSVTGKIGTDIQDNKCSWLVVQCLQRATPEQYQILKENYGQKEAEKV
ARVKALYEELDLPAVFLQYEEDSYSHIMALIEQYAAPLPPAVFLGLARKIYKRRK
;
_entity_poly.pdbx_strand_id   F
#
loop_
_chem_comp.id
_chem_comp.type
_chem_comp.name
_chem_comp.formula
7AM non-polymer '[[(2~{S})-2-[[6-(4-methylphenyl)thieno[2,3-d]pyrimidin-4-yl]amino]-3-phenyl-propanoyl]amino]phosphonic acid' 'C22 H21 N4 O4 P S'
PO4 non-polymer 'PHOSPHATE ION' 'O4 P -3'
#
# COMPACT_ATOMS: atom_id res chain seq x y z
N VAL A 31 -17.94 7.00 6.86
CA VAL A 31 -17.68 5.55 6.57
C VAL A 31 -16.52 5.10 7.43
N TYR A 32 -15.35 5.78 7.25
CA TYR A 32 -13.99 5.32 7.79
C TYR A 32 -13.69 5.78 9.22
N ALA A 33 -13.83 7.09 9.50
CA ALA A 33 -13.66 7.63 10.87
C ALA A 33 -14.69 6.92 11.79
N GLN A 34 -15.93 6.85 11.27
CA GLN A 34 -17.07 6.12 11.84
C GLN A 34 -16.87 4.61 12.29
N GLU A 35 -15.84 3.91 11.79
CA GLU A 35 -15.53 2.49 12.21
C GLU A 35 -14.09 2.17 12.55
N LYS A 36 -13.24 3.19 12.60
CA LYS A 36 -11.85 3.01 12.95
C LYS A 36 -11.58 2.50 14.39
N GLN A 37 -12.53 2.73 15.30
CA GLN A 37 -12.48 2.33 16.70
C GLN A 37 -12.64 0.82 16.81
N ASP A 38 -13.80 0.29 16.42
CA ASP A 38 -14.08 -1.16 16.44
C ASP A 38 -12.93 -1.94 15.75
N PHE A 39 -12.32 -1.31 14.72
CA PHE A 39 -11.32 -1.99 13.93
C PHE A 39 -10.02 -2.07 14.71
N VAL A 40 -9.57 -0.93 15.18
CA VAL A 40 -8.33 -0.90 15.89
C VAL A 40 -8.43 -1.54 17.23
N GLN A 41 -9.64 -1.69 17.72
CA GLN A 41 -9.83 -2.30 18.99
C GLN A 41 -9.79 -3.81 18.85
N HIS A 42 -10.16 -4.33 17.67
CA HIS A 42 -10.24 -5.77 17.43
C HIS A 42 -8.82 -6.37 17.36
N PHE A 43 -7.82 -5.51 17.18
CA PHE A 43 -6.48 -6.00 17.12
C PHE A 43 -6.11 -6.91 18.29
N SER A 44 -6.54 -6.53 19.47
CA SER A 44 -6.28 -7.29 20.65
C SER A 44 -6.68 -8.72 20.58
N GLN A 45 -7.86 -8.94 20.01
CA GLN A 45 -8.35 -10.25 19.79
C GLN A 45 -7.48 -10.97 18.78
N ILE A 46 -7.17 -10.28 17.66
CA ILE A 46 -6.32 -10.80 16.57
C ILE A 46 -5.06 -11.33 17.22
N VAL A 47 -4.44 -10.54 18.06
CA VAL A 47 -3.27 -11.04 18.78
C VAL A 47 -3.57 -12.20 19.77
N ARG A 48 -4.65 -12.14 20.50
CA ARG A 48 -4.86 -13.13 21.55
C ARG A 48 -4.87 -14.48 20.87
N VAL A 49 -5.65 -14.55 19.81
CA VAL A 49 -5.80 -15.78 19.03
C VAL A 49 -4.52 -16.22 18.36
N LEU A 50 -3.80 -15.29 17.76
CA LEU A 50 -2.55 -15.68 17.11
C LEU A 50 -1.52 -16.14 18.08
N THR A 51 -1.61 -15.75 19.35
CA THR A 51 -0.69 -16.24 20.38
C THR A 51 -1.24 -17.39 21.26
N GLU A 52 -2.31 -18.08 20.89
CA GLU A 52 -2.74 -19.26 21.63
C GLU A 52 -2.87 -20.46 20.68
N GLY A 56 -1.82 -25.03 23.76
CA GLY A 56 -1.61 -26.45 23.59
C GLY A 56 -0.13 -26.78 23.60
N HIS A 57 0.69 -25.81 23.16
CA HIS A 57 2.13 -26.03 22.86
C HIS A 57 3.08 -25.10 23.70
N PRO A 58 3.36 -25.50 24.97
CA PRO A 58 4.23 -24.68 25.85
C PRO A 58 5.70 -24.57 25.40
N GLU A 59 6.16 -25.59 24.71
CA GLU A 59 7.52 -25.66 24.28
C GLU A 59 7.96 -24.44 23.41
N ILE A 60 7.02 -23.91 22.59
CA ILE A 60 7.31 -22.85 21.64
C ILE A 60 6.88 -21.51 22.18
N GLY A 61 6.49 -21.43 23.44
CA GLY A 61 5.85 -20.22 23.91
C GLY A 61 6.79 -19.09 23.72
N ASP A 62 8.09 -19.36 23.84
CA ASP A 62 9.03 -18.27 23.69
C ASP A 62 8.92 -17.57 22.32
N ALA A 63 8.78 -18.38 21.28
CA ALA A 63 8.71 -17.89 19.95
C ALA A 63 7.44 -17.16 19.79
N ILE A 64 6.40 -17.65 20.41
CA ILE A 64 5.14 -16.96 20.33
C ILE A 64 5.26 -15.59 21.04
N ALA A 65 5.89 -15.54 22.18
CA ALA A 65 6.19 -14.27 22.77
C ALA A 65 6.83 -13.32 21.67
N ARG A 66 7.79 -13.80 20.91
CA ARG A 66 8.45 -12.96 19.95
C ARG A 66 7.46 -12.48 18.87
N LEU A 67 6.65 -13.42 18.44
CA LEU A 67 5.60 -13.12 17.50
C LEU A 67 4.72 -12.03 18.01
N LYS A 68 4.33 -12.05 19.27
CA LYS A 68 3.46 -11.01 19.80
C LYS A 68 4.12 -9.67 19.65
N GLU A 69 5.40 -9.66 19.98
CA GLU A 69 6.13 -8.44 19.92
C GLU A 69 6.24 -7.90 18.49
N VAL A 70 6.48 -8.79 17.56
CA VAL A 70 6.54 -8.44 16.18
C VAL A 70 5.24 -7.79 15.74
N LEU A 71 4.13 -8.43 16.04
CA LEU A 71 2.81 -7.90 15.67
C LEU A 71 2.46 -6.57 16.31
N GLU A 72 2.80 -6.39 17.56
CA GLU A 72 2.58 -5.14 18.23
C GLU A 72 3.39 -4.01 17.68
N TYR A 73 4.64 -4.24 17.32
CA TYR A 73 5.45 -3.16 16.81
C TYR A 73 5.08 -2.77 15.37
N ASN A 74 4.69 -3.72 14.55
CA ASN A 74 4.65 -3.52 13.12
C ASN A 74 3.27 -3.53 12.48
N ALA A 75 2.31 -4.17 13.12
CA ALA A 75 0.97 -4.10 12.58
C ALA A 75 0.29 -2.80 13.03
N ILE A 76 0.79 -2.21 14.10
CA ILE A 76 0.28 -0.99 14.68
C ILE A 76 1.05 0.25 14.28
N GLY A 77 0.29 1.35 14.17
CA GLY A 77 0.81 2.69 14.01
C GLY A 77 0.63 3.34 12.66
N GLY A 78 0.10 2.57 11.67
CA GLY A 78 -0.27 3.12 10.39
C GLY A 78 -1.59 3.84 10.54
N LYS A 79 -2.14 4.31 9.44
CA LYS A 79 -3.51 4.84 9.39
C LYS A 79 -4.57 3.77 9.07
N TYR A 80 -4.19 2.51 8.79
CA TYR A 80 -5.17 1.40 8.67
C TYR A 80 -6.19 1.51 7.58
N ASN A 81 -5.88 2.28 6.53
CA ASN A 81 -6.80 2.53 5.43
C ASN A 81 -7.10 1.31 4.60
N ARG A 82 -6.13 0.46 4.41
CA ARG A 82 -6.33 -0.74 3.63
C ARG A 82 -7.21 -1.73 4.33
N GLY A 83 -6.89 -2.05 5.59
CA GLY A 83 -7.72 -2.93 6.38
C GLY A 83 -9.13 -2.43 6.48
N LEU A 84 -9.27 -1.14 6.80
CA LEU A 84 -10.55 -0.56 6.94
C LEU A 84 -11.40 -0.64 5.71
N THR A 85 -10.76 -0.55 4.55
CA THR A 85 -11.47 -0.59 3.33
C THR A 85 -12.22 -1.92 3.27
N VAL A 86 -11.69 -2.98 3.88
CA VAL A 86 -12.37 -4.25 3.79
C VAL A 86 -13.63 -4.15 4.58
N VAL A 87 -13.57 -3.51 5.74
CA VAL A 87 -14.73 -3.51 6.60
C VAL A 87 -15.85 -2.66 6.07
N VAL A 88 -15.47 -1.48 5.66
CA VAL A 88 -16.41 -0.53 5.11
C VAL A 88 -17.13 -1.13 3.90
N ALA A 89 -16.36 -1.71 3.01
CA ALA A 89 -16.87 -2.29 1.78
C ALA A 89 -17.77 -3.47 2.07
N PHE A 90 -17.43 -4.25 3.06
CA PHE A 90 -18.29 -5.34 3.41
C PHE A 90 -19.61 -4.85 3.90
N ARG A 91 -19.64 -3.76 4.64
CA ARG A 91 -20.89 -3.11 5.03
C ARG A 91 -21.71 -2.63 3.85
N GLU A 92 -21.06 -1.96 2.93
CA GLU A 92 -21.72 -1.55 1.72
C GLU A 92 -22.20 -2.69 0.84
N LEU A 93 -21.58 -3.86 0.87
CA LEU A 93 -21.87 -4.85 -0.14
C LEU A 93 -22.85 -5.93 0.27
N VAL A 94 -22.95 -6.23 1.55
CA VAL A 94 -23.78 -7.33 2.00
C VAL A 94 -25.17 -6.81 2.36
N GLU A 95 -26.26 -7.54 2.06
CA GLU A 95 -27.62 -7.10 2.55
C GLU A 95 -27.52 -7.07 4.09
N PRO A 96 -27.95 -5.98 4.75
CA PRO A 96 -27.68 -5.89 6.20
C PRO A 96 -28.24 -7.06 7.06
N ARG A 97 -29.27 -7.75 6.54
CA ARG A 97 -29.86 -8.97 7.18
C ARG A 97 -28.79 -10.04 7.35
N LYS A 98 -27.90 -10.20 6.37
CA LYS A 98 -26.76 -11.16 6.46
C LYS A 98 -25.47 -10.60 7.19
N GLN A 99 -25.53 -9.45 7.89
CA GLN A 99 -24.39 -8.93 8.66
C GLN A 99 -24.53 -9.19 10.21
N ASP A 100 -24.60 -10.47 10.60
CA ASP A 100 -24.44 -10.89 12.01
C ASP A 100 -23.02 -10.62 12.66
N ALA A 101 -22.93 -10.86 13.95
CA ALA A 101 -21.74 -10.60 14.71
C ALA A 101 -20.54 -11.35 14.17
N ASP A 102 -20.78 -12.60 13.75
CA ASP A 102 -19.76 -13.49 13.23
C ASP A 102 -19.25 -12.98 11.89
N SER A 103 -20.14 -12.52 11.03
CA SER A 103 -19.77 -11.93 9.76
C SER A 103 -18.87 -10.72 9.88
N LEU A 104 -19.28 -9.82 10.75
CA LEU A 104 -18.45 -8.68 11.08
C LEU A 104 -17.09 -9.06 11.62
N GLN A 105 -17.06 -9.87 12.67
CA GLN A 105 -15.83 -10.44 13.17
C GLN A 105 -14.86 -10.86 12.05
N ARG A 106 -15.41 -11.48 11.02
CA ARG A 106 -14.65 -11.98 9.94
C ARG A 106 -14.11 -10.93 9.01
N ALA A 107 -14.93 -9.89 8.79
CA ALA A 107 -14.49 -8.69 8.10
C ALA A 107 -13.42 -7.91 8.83
N TRP A 108 -13.51 -7.78 10.14
CA TRP A 108 -12.42 -7.21 10.96
C TRP A 108 -11.17 -8.07 10.76
N THR A 109 -11.37 -9.39 10.84
CA THR A 109 -10.24 -10.27 10.75
C THR A 109 -9.51 -10.16 9.41
N VAL A 110 -10.27 -10.18 8.34
CA VAL A 110 -9.68 -10.11 7.00
C VAL A 110 -9.12 -8.73 6.76
N GLY A 111 -9.78 -7.68 7.28
CA GLY A 111 -9.18 -6.34 7.32
C GLY A 111 -7.81 -6.35 7.99
N TRP A 112 -7.69 -7.05 9.11
CA TRP A 112 -6.39 -7.18 9.78
C TRP A 112 -5.43 -8.03 8.95
N CYS A 113 -5.91 -9.06 8.27
CA CYS A 113 -5.07 -9.76 7.28
C CYS A 113 -4.46 -8.85 6.26
N VAL A 114 -5.20 -7.92 5.68
CA VAL A 114 -4.57 -6.91 4.82
C VAL A 114 -3.54 -6.11 5.57
N GLU A 115 -3.81 -5.76 6.81
CA GLU A 115 -2.81 -4.92 7.48
C GLU A 115 -1.56 -5.76 7.78
N LEU A 116 -1.72 -7.05 8.03
CA LEU A 116 -0.57 -7.91 8.20
C LEU A 116 0.24 -8.13 6.93
N LEU A 117 -0.41 -8.16 5.80
CA LEU A 117 0.33 -8.22 4.54
C LEU A 117 1.24 -6.98 4.36
N GLN A 118 0.65 -5.85 4.63
CA GLN A 118 1.32 -4.56 4.59
C GLN A 118 2.51 -4.54 5.52
N ALA A 119 2.31 -5.02 6.74
CA ALA A 119 3.36 -5.09 7.73
C ALA A 119 4.56 -5.98 7.33
N PHE A 120 4.23 -7.16 6.81
CA PHE A 120 5.18 -8.08 6.22
C PHE A 120 5.95 -7.39 5.15
N PHE A 121 5.31 -6.71 4.21
CA PHE A 121 6.13 -6.04 3.22
C PHE A 121 6.95 -4.92 3.71
N LEU A 122 6.47 -4.19 4.68
CA LEU A 122 7.26 -3.04 5.13
C LEU A 122 8.54 -3.39 5.83
N VAL A 123 8.45 -4.38 6.71
CA VAL A 123 9.53 -4.77 7.57
C VAL A 123 10.67 -5.21 6.65
N ALA A 124 10.31 -5.95 5.60
CA ALA A 124 11.23 -6.53 4.69
C ALA A 124 11.74 -5.43 3.76
N ASP A 125 10.83 -4.61 3.22
CA ASP A 125 11.32 -3.43 2.44
C ASP A 125 12.31 -2.47 3.16
N ASP A 126 12.16 -2.26 4.47
CA ASP A 126 13.05 -1.36 5.23
C ASP A 126 14.37 -1.96 5.45
N ILE A 127 14.45 -3.27 5.54
CA ILE A 127 15.75 -3.95 5.57
C ILE A 127 16.48 -3.74 4.24
N MET A 128 15.75 -4.01 3.17
CA MET A 128 16.26 -3.85 1.83
C MET A 128 16.69 -2.47 1.46
N ASP A 129 15.97 -1.47 1.86
CA ASP A 129 16.37 -0.06 1.61
C ASP A 129 17.34 0.47 2.58
N SER A 130 17.55 -0.23 3.68
CA SER A 130 18.31 0.35 4.78
C SER A 130 17.65 1.63 5.31
N SER A 131 16.37 1.56 5.51
CA SER A 131 15.68 2.69 6.04
C SER A 131 15.97 2.74 7.48
N LEU A 132 15.76 3.93 8.04
CA LEU A 132 16.00 4.20 9.41
C LEU A 132 14.68 4.27 10.15
N THR A 133 13.71 4.97 9.62
CA THR A 133 12.46 5.10 10.36
C THR A 133 11.27 4.69 9.53
N ARG A 134 10.17 4.53 10.21
CA ARG A 134 8.95 4.03 9.62
C ARG A 134 7.81 4.39 10.55
N ARG A 135 6.83 5.09 10.02
CA ARG A 135 5.67 5.46 10.87
C ARG A 135 6.20 6.20 12.10
N GLY A 136 7.27 6.95 11.88
CA GLY A 136 7.81 7.72 12.95
C GLY A 136 8.45 6.96 14.09
N GLN A 137 8.93 5.75 13.86
CA GLN A 137 9.77 5.13 14.89
C GLN A 137 10.89 4.41 14.24
N ILE A 138 11.81 3.95 15.05
CA ILE A 138 12.91 3.16 14.58
C ILE A 138 12.35 1.97 13.77
N CYS A 139 12.88 1.69 12.59
CA CYS A 139 12.47 0.48 11.89
C CYS A 139 12.77 -0.68 12.73
N TRP A 140 11.93 -1.68 12.61
CA TRP A 140 12.07 -2.88 13.45
C TRP A 140 13.46 -3.50 13.32
N TYR A 141 13.91 -3.73 12.10
CA TYR A 141 15.21 -4.36 11.95
C TYR A 141 16.35 -3.62 12.63
N GLN A 142 16.23 -2.31 12.69
CA GLN A 142 17.20 -1.41 13.32
C GLN A 142 17.22 -1.40 14.81
N LYS A 143 16.28 -2.11 15.45
CA LYS A 143 16.30 -2.17 16.91
C LYS A 143 17.38 -3.06 17.40
N PRO A 144 17.88 -2.79 18.61
CA PRO A 144 18.98 -3.53 19.18
C PRO A 144 18.61 -4.98 19.32
N GLY A 145 19.47 -5.83 18.81
CA GLY A 145 19.18 -7.25 18.88
C GLY A 145 18.00 -7.80 18.09
N VAL A 146 17.61 -7.18 16.98
CA VAL A 146 16.71 -7.75 16.01
C VAL A 146 17.52 -7.96 14.77
N GLY A 147 17.93 -6.88 14.14
CA GLY A 147 18.68 -6.99 12.94
C GLY A 147 18.01 -7.82 11.88
N LEU A 148 18.82 -8.59 11.18
CA LEU A 148 18.35 -9.42 10.12
C LEU A 148 17.47 -10.57 10.56
N ASP A 149 17.39 -10.88 11.86
CA ASP A 149 16.29 -11.65 12.36
C ASP A 149 14.95 -11.13 11.89
N ALA A 150 14.88 -9.88 11.53
CA ALA A 150 13.63 -9.32 10.99
C ALA A 150 13.21 -10.03 9.80
N ILE A 151 14.13 -10.72 9.12
CA ILE A 151 13.69 -11.45 7.93
C ILE A 151 12.64 -12.53 8.23
N ASN A 152 12.85 -13.22 9.29
CA ASN A 152 11.99 -14.27 9.71
C ASN A 152 10.74 -13.65 10.35
N ASP A 153 10.94 -12.52 11.05
CA ASP A 153 9.83 -11.85 11.64
C ASP A 153 8.88 -11.46 10.55
N ALA A 154 9.39 -10.91 9.45
CA ALA A 154 8.50 -10.61 8.32
C ALA A 154 7.74 -11.83 7.84
N ASN A 155 8.45 -12.95 7.75
CA ASN A 155 7.84 -14.15 7.24
C ASN A 155 6.70 -14.64 8.12
N LEU A 156 6.90 -14.64 9.43
CA LEU A 156 5.76 -14.81 10.35
C LEU A 156 4.58 -13.83 10.13
N LEU A 157 4.86 -12.54 9.98
CA LEU A 157 3.78 -11.61 9.66
C LEU A 157 2.93 -12.17 8.47
N GLU A 158 3.58 -12.64 7.44
CA GLU A 158 2.92 -13.19 6.31
C GLU A 158 2.14 -14.43 6.70
N ALA A 159 2.73 -15.27 7.53
CA ALA A 159 2.08 -16.49 7.86
C ALA A 159 0.77 -16.29 8.61
N CYS A 160 0.74 -15.25 9.44
CA CYS A 160 -0.37 -14.99 10.33
C CYS A 160 -1.65 -14.69 9.55
N ILE A 161 -1.48 -14.14 8.34
CA ILE A 161 -2.57 -13.97 7.43
C ILE A 161 -3.37 -15.23 7.31
N TYR A 162 -2.67 -16.35 7.06
CA TYR A 162 -3.30 -17.60 6.65
C TYR A 162 -3.82 -18.35 7.86
N ARG A 163 -3.17 -18.17 9.00
CA ARG A 163 -3.66 -18.69 10.24
C ARG A 163 -4.98 -18.06 10.56
N LEU A 164 -5.03 -16.76 10.37
CA LEU A 164 -6.21 -16.04 10.68
C LEU A 164 -7.37 -16.46 9.79
N LEU A 165 -7.10 -16.61 8.50
CA LEU A 165 -8.11 -17.12 7.58
C LEU A 165 -8.56 -18.53 7.93
N LYS A 166 -7.63 -19.39 8.32
CA LYS A 166 -8.06 -20.70 8.73
C LYS A 166 -9.03 -20.57 9.88
N LEU A 167 -8.65 -19.80 10.92
CA LEU A 167 -9.40 -19.76 12.17
C LEU A 167 -10.75 -19.12 12.06
N TYR A 168 -10.85 -18.10 11.24
CA TYR A 168 -12.12 -17.45 11.13
C TYR A 168 -12.93 -17.84 9.93
N CYS A 169 -12.31 -18.32 8.87
CA CYS A 169 -13.02 -18.54 7.62
C CYS A 169 -13.00 -19.92 7.00
N ARG A 170 -12.33 -20.92 7.57
CA ARG A 170 -12.20 -22.19 6.85
C ARG A 170 -13.56 -22.78 6.45
N GLU A 171 -14.59 -22.53 7.25
CA GLU A 171 -15.93 -23.05 6.94
C GLU A 171 -16.66 -22.22 5.90
N GLN A 172 -16.14 -21.07 5.50
CA GLN A 172 -16.94 -20.21 4.61
C GLN A 172 -16.75 -20.62 3.18
N PRO A 173 -17.74 -20.35 2.33
CA PRO A 173 -17.58 -20.74 0.94
C PRO A 173 -16.53 -19.99 0.18
N TYR A 174 -16.20 -18.77 0.59
CA TYR A 174 -15.11 -17.96 -0.06
C TYR A 174 -13.69 -18.20 0.50
N TYR A 175 -13.54 -19.18 1.42
CA TYR A 175 -12.25 -19.47 2.04
C TYR A 175 -11.09 -19.53 1.03
N LEU A 176 -11.25 -20.36 0.02
CA LEU A 176 -10.19 -20.58 -0.97
C LEU A 176 -10.04 -19.36 -1.80
N ASN A 177 -11.11 -18.68 -2.18
CA ASN A 177 -10.94 -17.45 -2.91
C ASN A 177 -10.06 -16.42 -2.20
N LEU A 178 -10.17 -16.34 -0.88
CA LEU A 178 -9.39 -15.36 -0.12
C LEU A 178 -7.94 -15.77 -0.07
N ILE A 179 -7.69 -17.05 0.16
CA ILE A 179 -6.32 -17.51 0.17
C ILE A 179 -5.67 -17.16 -1.17
N GLU A 180 -6.34 -17.50 -2.25
CA GLU A 180 -5.76 -17.29 -3.57
C GLU A 180 -5.49 -15.79 -3.77
N LEU A 181 -6.38 -14.96 -3.27
CA LEU A 181 -6.26 -13.51 -3.45
C LEU A 181 -5.06 -12.95 -2.63
N PHE A 182 -4.92 -13.39 -1.39
CA PHE A 182 -3.79 -12.92 -0.62
C PHE A 182 -2.47 -13.39 -1.22
N LEU A 183 -2.43 -14.65 -1.66
CA LEU A 183 -1.25 -15.21 -2.28
C LEU A 183 -0.98 -14.53 -3.57
N GLN A 184 -1.98 -14.32 -4.37
CA GLN A 184 -1.69 -13.59 -5.56
C GLN A 184 -1.27 -12.13 -5.29
N SER A 185 -1.87 -11.48 -4.29
CA SER A 185 -1.53 -10.11 -3.94
C SER A 185 -0.13 -10.05 -3.48
N SER A 186 0.30 -11.03 -2.73
CA SER A 186 1.74 -11.21 -2.40
C SER A 186 2.69 -11.34 -3.55
N TYR A 187 2.36 -12.22 -4.46
CA TYR A 187 3.17 -12.37 -5.67
C TYR A 187 3.30 -11.10 -6.50
N GLN A 188 2.23 -10.33 -6.71
CA GLN A 188 2.37 -9.21 -7.62
C GLN A 188 3.22 -8.14 -6.99
N THR A 189 3.04 -8.01 -5.67
CA THR A 189 3.79 -7.03 -4.91
C THR A 189 5.26 -7.40 -4.95
N GLU A 190 5.53 -8.69 -4.81
CA GLU A 190 6.92 -9.14 -4.84
C GLU A 190 7.63 -8.89 -6.20
N ILE A 191 6.90 -9.19 -7.26
CA ILE A 191 7.25 -8.88 -8.63
C ILE A 191 7.50 -7.39 -8.80
N GLY A 192 6.60 -6.58 -8.32
CA GLY A 192 6.80 -5.14 -8.36
C GLY A 192 8.01 -4.73 -7.58
N GLN A 193 8.21 -5.34 -6.45
CA GLN A 193 9.41 -5.04 -5.74
C GLN A 193 10.69 -5.40 -6.55
N THR A 194 10.71 -6.56 -7.18
CA THR A 194 11.82 -7.02 -7.98
C THR A 194 12.02 -5.98 -9.10
N LEU A 195 10.91 -5.52 -9.60
CA LEU A 195 10.99 -4.67 -10.74
C LEU A 195 11.64 -3.32 -10.39
N ASP A 196 11.43 -2.87 -9.15
CA ASP A 196 11.84 -1.57 -8.65
C ASP A 196 13.28 -1.65 -8.34
N LEU A 197 13.64 -2.64 -7.55
CA LEU A 197 15.07 -3.04 -7.31
C LEU A 197 15.92 -3.12 -8.61
N LEU A 198 15.44 -3.79 -9.65
CA LEU A 198 16.12 -3.71 -10.93
C LEU A 198 16.22 -2.29 -11.48
N THR A 199 15.20 -1.48 -11.27
CA THR A 199 15.10 -0.14 -11.86
C THR A 199 16.01 0.92 -11.19
N ALA A 200 16.07 0.84 -9.84
CA ALA A 200 16.69 1.84 -9.01
C ALA A 200 17.77 1.32 -8.09
N PRO A 201 18.94 0.92 -8.61
CA PRO A 201 20.05 0.52 -7.67
C PRO A 201 20.84 1.58 -6.75
N GLN A 202 20.12 2.26 -5.81
CA GLN A 202 20.67 3.24 -4.75
C GLN A 202 22.19 3.34 -4.57
N ASN A 204 23.96 3.62 -6.70
CA ASN A 204 24.37 3.66 -8.09
C ASN A 204 23.38 4.35 -9.12
N VAL A 205 23.94 5.23 -9.95
CA VAL A 205 23.24 6.32 -10.68
C VAL A 205 22.70 6.01 -12.06
N ASP A 206 21.40 5.69 -12.21
CA ASP A 206 20.83 5.64 -13.56
C ASP A 206 19.35 5.97 -13.88
N LEU A 207 19.19 6.74 -14.95
CA LEU A 207 17.97 7.38 -15.35
C LEU A 207 17.39 6.85 -16.64
N VAL A 208 18.19 6.18 -17.47
CA VAL A 208 17.57 5.74 -18.74
C VAL A 208 16.54 4.65 -18.47
N ARG A 209 16.72 3.92 -17.39
CA ARG A 209 15.69 2.97 -17.06
C ARG A 209 14.38 3.54 -16.43
N PHE A 210 14.37 4.84 -16.08
CA PHE A 210 13.18 5.53 -15.47
C PHE A 210 12.16 6.04 -16.50
N THR A 211 11.53 5.11 -17.20
CA THR A 211 10.55 5.46 -18.20
C THR A 211 9.17 5.38 -17.60
N GLU A 212 8.25 6.12 -18.21
CA GLU A 212 6.87 6.09 -17.80
C GLU A 212 6.22 4.70 -17.89
N LYS A 213 6.50 3.93 -18.93
CA LYS A 213 5.97 2.55 -19.07
C LYS A 213 6.36 1.83 -17.79
N ARG A 214 7.62 1.98 -17.43
CA ARG A 214 8.22 1.25 -16.34
C ARG A 214 7.76 1.78 -15.00
N TYR A 215 7.77 3.09 -14.82
CA TYR A 215 7.13 3.66 -13.62
C TYR A 215 5.72 3.09 -13.37
N LYS A 216 4.89 3.13 -14.42
CA LYS A 216 3.53 2.64 -14.31
C LYS A 216 3.52 1.18 -13.92
N SER A 217 4.34 0.35 -14.53
CA SER A 217 4.43 -1.06 -14.15
C SER A 217 4.74 -1.32 -12.72
N ILE A 218 5.74 -0.57 -12.25
CA ILE A 218 6.22 -0.70 -10.86
C ILE A 218 5.05 -0.43 -9.89
N VAL A 219 4.31 0.63 -10.15
CA VAL A 219 3.25 1.06 -9.24
C VAL A 219 2.11 0.05 -9.23
N LYS A 220 1.75 -0.46 -10.40
CA LYS A 220 0.65 -1.44 -10.53
C LYS A 220 0.94 -2.68 -9.74
N TYR A 221 2.12 -3.28 -9.94
CA TYR A 221 2.47 -4.53 -9.29
C TYR A 221 2.81 -4.30 -7.81
N LYS A 222 3.65 -3.27 -7.54
CA LYS A 222 4.20 -3.04 -6.19
C LYS A 222 3.23 -2.52 -5.12
N THR A 223 2.29 -1.64 -5.49
CA THR A 223 1.40 -0.96 -4.52
C THR A 223 -0.12 -1.01 -4.86
N ALA A 224 -0.47 -0.80 -6.10
CA ALA A 224 -1.89 -0.68 -6.46
C ALA A 224 -2.73 -1.92 -6.23
N PHE A 225 -2.16 -3.03 -6.64
CA PHE A 225 -2.88 -4.25 -6.54
C PHE A 225 -3.25 -4.52 -5.09
N TYR A 226 -2.29 -4.51 -4.18
CA TYR A 226 -2.62 -4.83 -2.81
C TYR A 226 -3.21 -3.68 -2.04
N SER A 227 -3.06 -2.46 -2.52
CA SER A 227 -3.50 -1.37 -1.68
C SER A 227 -4.95 -1.05 -2.02
N PHE A 228 -5.33 -1.22 -3.29
CA PHE A 228 -6.64 -0.86 -3.80
C PHE A 228 -7.48 -2.03 -4.20
N TYR A 229 -6.91 -2.95 -4.96
CA TYR A 229 -7.73 -4.05 -5.45
C TYR A 229 -8.00 -5.06 -4.33
N LEU A 230 -6.96 -5.45 -3.63
CA LEU A 230 -7.05 -6.54 -2.69
C LEU A 230 -8.15 -6.30 -1.67
N PRO A 231 -8.21 -5.14 -1.04
CA PRO A 231 -9.27 -5.04 0.03
C PRO A 231 -10.75 -5.05 -0.47
N ILE A 232 -11.04 -4.40 -1.59
CA ILE A 232 -12.36 -4.43 -2.16
C ILE A 232 -12.69 -5.87 -2.59
N ALA A 233 -11.74 -6.50 -3.26
CA ALA A 233 -11.89 -7.87 -3.74
C ALA A 233 -12.21 -8.81 -2.61
N ALA A 234 -11.55 -8.62 -1.50
CA ALA A 234 -11.77 -9.44 -0.35
C ALA A 234 -13.19 -9.24 0.18
N ALA A 235 -13.64 -7.99 0.25
CA ALA A 235 -15.02 -7.72 0.60
C ALA A 235 -16.01 -8.42 -0.38
N MET A 236 -15.70 -8.32 -1.68
CA MET A 236 -16.50 -8.91 -2.73
C MET A 236 -16.69 -10.42 -2.56
N TYR A 237 -15.59 -11.11 -2.30
CA TYR A 237 -15.64 -12.53 -2.09
C TYR A 237 -16.39 -12.84 -0.83
N MET A 238 -16.19 -12.01 0.15
CA MET A 238 -16.89 -12.20 1.38
C MET A 238 -18.37 -12.05 1.21
N ALA A 239 -18.76 -11.25 0.23
CA ALA A 239 -20.19 -11.00 -0.04
C ALA A 239 -20.83 -11.96 -1.07
N GLY A 240 -20.18 -13.05 -1.42
CA GLY A 240 -20.65 -13.86 -2.49
C GLY A 240 -20.34 -13.39 -3.89
N ILE A 241 -19.76 -12.24 -4.10
CA ILE A 241 -19.52 -11.77 -5.46
C ILE A 241 -18.17 -12.32 -5.90
N ASP A 242 -18.17 -13.47 -6.49
CA ASP A 242 -16.94 -14.04 -6.98
C ASP A 242 -16.67 -13.97 -8.52
N GLY A 243 -17.58 -13.48 -9.33
CA GLY A 243 -17.43 -13.53 -10.75
C GLY A 243 -16.19 -12.86 -11.29
N GLU A 244 -15.58 -13.46 -12.31
CA GLU A 244 -14.34 -12.97 -12.91
C GLU A 244 -14.62 -11.64 -13.53
N LYS A 245 -15.72 -11.55 -14.25
CA LYS A 245 -16.16 -10.27 -14.77
C LYS A 245 -16.25 -9.11 -13.74
N GLU A 246 -16.95 -9.37 -12.64
CA GLU A 246 -17.09 -8.36 -11.62
C GLU A 246 -15.74 -7.89 -11.15
N HIS A 247 -14.93 -8.86 -10.80
CA HIS A 247 -13.60 -8.61 -10.32
C HIS A 247 -12.74 -7.90 -11.33
N ALA A 248 -12.79 -8.29 -12.60
CA ALA A 248 -12.08 -7.54 -13.65
C ALA A 248 -12.49 -6.09 -13.68
N ASN A 249 -13.80 -5.85 -13.56
CA ASN A 249 -14.34 -4.47 -13.56
C ASN A 249 -13.83 -3.66 -12.38
N ALA A 250 -13.95 -4.23 -11.18
CA ALA A 250 -13.55 -3.53 -9.98
C ALA A 250 -12.07 -3.26 -10.06
N LYS A 251 -11.27 -4.24 -10.49
CA LYS A 251 -9.83 -4.07 -10.69
C LYS A 251 -9.48 -2.92 -11.64
N LYS A 252 -10.25 -2.79 -12.69
CA LYS A 252 -9.93 -1.80 -13.65
C LYS A 252 -10.06 -0.44 -12.98
N ILE A 253 -11.07 -0.25 -12.14
CA ILE A 253 -11.25 1.08 -11.53
C ILE A 253 -10.12 1.27 -10.54
N LEU A 254 -9.85 0.23 -9.77
CA LEU A 254 -9.05 0.29 -8.57
C LEU A 254 -7.54 0.46 -8.84
N LEU A 255 -7.12 -0.14 -9.93
CA LEU A 255 -5.74 -0.03 -10.28
C LEU A 255 -5.54 1.35 -10.78
N GLU A 256 -6.47 1.97 -11.48
CA GLU A 256 -6.21 3.35 -11.92
C GLU A 256 -6.25 4.29 -10.73
N MET A 257 -7.12 4.05 -9.75
CA MET A 257 -7.10 4.82 -8.51
C MET A 257 -5.74 4.68 -7.85
N GLY A 258 -5.25 3.45 -7.76
CA GLY A 258 -3.96 3.17 -7.17
C GLY A 258 -2.77 3.87 -7.83
N GLU A 259 -2.83 4.12 -9.14
CA GLU A 259 -1.79 4.80 -9.87
C GLU A 259 -1.81 6.18 -9.42
N PHE A 260 -2.98 6.78 -9.36
CA PHE A 260 -3.02 8.15 -8.90
C PHE A 260 -2.45 8.30 -7.49
N PHE A 261 -2.88 7.45 -6.58
CA PHE A 261 -2.49 7.54 -5.21
C PHE A 261 -1.00 7.65 -5.11
N GLN A 262 -0.34 6.81 -5.85
CA GLN A 262 1.11 6.80 -5.82
C GLN A 262 1.77 8.02 -6.43
N ILE A 263 1.26 8.43 -7.56
CA ILE A 263 1.75 9.65 -8.15
C ILE A 263 1.60 10.84 -7.22
N GLN A 264 0.50 10.91 -6.47
CA GLN A 264 0.34 11.98 -5.53
C GLN A 264 1.39 11.82 -4.41
N ASP A 265 1.63 10.61 -4.01
CA ASP A 265 2.62 10.34 -2.97
C ASP A 265 4.04 10.86 -3.30
N ASP A 266 4.39 10.60 -4.56
CA ASP A 266 5.60 11.11 -5.19
C ASP A 266 5.66 12.63 -5.20
N TYR A 267 4.59 13.29 -5.65
CA TYR A 267 4.51 14.76 -5.60
C TYR A 267 4.69 15.33 -4.19
N LEU A 268 3.92 14.84 -3.25
CA LEU A 268 3.97 15.31 -1.89
C LEU A 268 5.24 14.94 -1.13
N ASP A 269 5.94 13.88 -1.55
CA ASP A 269 7.27 13.57 -1.01
C ASP A 269 8.13 14.81 -1.11
N LEU A 270 8.03 15.56 -2.20
CA LEU A 270 8.79 16.78 -2.35
C LEU A 270 8.02 18.10 -2.08
N PHE A 271 6.76 18.22 -2.49
CA PHE A 271 6.06 19.51 -2.33
C PHE A 271 5.04 19.55 -1.20
N GLY A 272 4.79 18.42 -0.58
CA GLY A 272 3.89 18.31 0.54
C GLY A 272 4.45 19.19 1.62
N ASP A 273 3.62 20.02 2.20
CA ASP A 273 3.97 20.69 3.38
C ASP A 273 4.25 19.57 4.39
N PRO A 274 5.46 19.52 4.97
CA PRO A 274 5.74 18.36 5.84
C PRO A 274 5.00 18.33 7.17
N SER A 275 4.63 19.52 7.67
CA SER A 275 3.76 19.65 8.87
C SER A 275 2.25 19.32 8.61
N VAL A 276 1.81 19.17 7.35
CA VAL A 276 0.55 18.49 7.04
C VAL A 276 0.96 17.02 7.06
N THR A 277 1.71 16.61 6.02
CA THR A 277 2.05 15.21 5.74
C THR A 277 2.47 14.38 6.95
N GLY A 278 3.44 14.84 7.74
CA GLY A 278 4.11 14.03 8.78
C GLY A 278 5.43 13.47 8.26
N LYS A 279 5.42 13.03 6.99
CA LYS A 279 6.62 12.67 6.21
C LYS A 279 7.47 13.92 5.85
N ILE A 280 8.79 13.75 5.86
CA ILE A 280 9.73 14.64 5.17
C ILE A 280 10.35 13.75 4.13
N GLY A 281 10.47 14.25 2.92
CA GLY A 281 10.71 13.37 1.76
C GLY A 281 12.15 13.16 1.44
N THR A 282 12.48 11.99 0.90
CA THR A 282 13.84 11.74 0.46
C THR A 282 13.89 10.97 -0.84
N ASP A 283 12.88 11.08 -1.69
CA ASP A 283 12.95 10.40 -2.98
C ASP A 283 14.18 10.78 -3.83
N ILE A 284 14.57 12.04 -3.82
CA ILE A 284 15.67 12.48 -4.66
C ILE A 284 17.03 11.90 -4.16
N GLN A 285 17.25 11.96 -2.84
CA GLN A 285 18.45 11.36 -2.16
C GLN A 285 18.49 9.87 -2.36
N ASP A 286 17.34 9.20 -2.41
CA ASP A 286 17.32 7.75 -2.52
C ASP A 286 17.23 7.23 -3.95
N ASN A 287 17.40 8.10 -4.96
CA ASN A 287 17.49 7.67 -6.38
C ASN A 287 16.23 6.95 -6.81
N LYS A 288 15.07 7.36 -6.28
CA LYS A 288 13.83 6.63 -6.55
C LYS A 288 13.34 6.86 -7.96
N CYS A 289 12.50 5.97 -8.44
CA CYS A 289 11.92 6.14 -9.74
C CYS A 289 10.59 6.80 -9.49
N SER A 290 10.65 8.07 -9.10
CA SER A 290 9.48 8.88 -8.72
C SER A 290 8.77 9.36 -9.95
N TRP A 291 7.48 9.58 -9.86
CA TRP A 291 6.76 10.08 -11.00
C TRP A 291 7.40 11.37 -11.48
N LEU A 292 7.75 12.25 -10.53
CA LEU A 292 8.46 13.52 -10.80
C LEU A 292 9.65 13.41 -11.71
N VAL A 293 10.59 12.54 -11.33
CA VAL A 293 11.80 12.45 -12.11
C VAL A 293 11.47 11.96 -13.51
N VAL A 294 10.52 11.01 -13.59
CA VAL A 294 10.10 10.41 -14.86
C VAL A 294 9.67 11.53 -15.81
N GLN A 295 8.88 12.44 -15.28
CA GLN A 295 8.33 13.55 -16.06
C GLN A 295 9.43 14.51 -16.42
N CYS A 296 10.24 14.83 -15.41
CA CYS A 296 11.39 15.67 -15.57
C CYS A 296 12.27 15.22 -16.74
N LEU A 297 12.48 13.91 -16.81
CA LEU A 297 13.27 13.32 -17.89
C LEU A 297 12.56 13.40 -19.24
N GLN A 298 11.23 13.28 -19.30
CA GLN A 298 10.47 13.44 -20.55
C GLN A 298 10.59 14.82 -21.17
N ARG A 299 10.87 15.81 -20.33
CA ARG A 299 10.78 17.22 -20.68
C ARG A 299 12.10 17.90 -20.83
N ALA A 300 13.11 17.42 -20.12
CA ALA A 300 14.41 18.11 -20.04
C ALA A 300 15.13 18.29 -21.39
N THR A 301 15.76 19.44 -21.57
CA THR A 301 16.74 19.65 -22.67
C THR A 301 17.87 18.62 -22.46
N PRO A 302 18.75 18.38 -23.49
CA PRO A 302 19.90 17.50 -23.18
C PRO A 302 20.85 18.08 -22.10
N GLU A 303 20.79 19.42 -21.98
CA GLU A 303 21.52 20.16 -20.96
C GLU A 303 21.03 19.84 -19.54
N GLN A 304 19.72 19.84 -19.37
CA GLN A 304 19.14 19.69 -18.04
C GLN A 304 19.23 18.28 -17.49
N TYR A 305 19.12 17.28 -18.39
CA TYR A 305 19.50 15.87 -18.11
C TYR A 305 20.82 15.81 -17.33
N GLN A 306 21.76 16.67 -17.73
CA GLN A 306 23.02 16.83 -17.03
C GLN A 306 22.84 17.32 -15.64
N ILE A 307 22.12 18.41 -15.47
CA ILE A 307 21.95 18.90 -14.11
C ILE A 307 21.42 17.76 -13.20
N LEU A 308 20.54 16.92 -13.77
CA LEU A 308 19.92 15.77 -13.07
C LEU A 308 20.82 14.54 -12.91
N LYS A 309 21.43 14.08 -14.02
CA LYS A 309 22.55 13.12 -13.93
C LYS A 309 23.55 13.52 -12.81
N GLU A 310 23.89 14.80 -12.62
CA GLU A 310 24.89 15.18 -11.60
C GLU A 310 24.36 15.14 -10.15
N ASN A 311 23.07 15.44 -9.93
CA ASN A 311 22.54 15.72 -8.56
C ASN A 311 21.57 14.72 -7.92
N TYR A 312 20.94 13.91 -8.75
CA TYR A 312 19.98 12.93 -8.29
C TYR A 312 20.71 11.81 -7.55
N GLY A 313 20.32 11.58 -6.30
CA GLY A 313 20.85 10.48 -5.56
C GLY A 313 21.83 11.00 -4.54
N GLN A 314 22.46 12.15 -4.79
CA GLN A 314 23.36 12.71 -3.80
C GLN A 314 22.53 13.15 -2.62
N LYS A 315 23.16 13.20 -1.45
CA LYS A 315 22.52 13.70 -0.24
C LYS A 315 22.89 15.15 0.09
N GLU A 316 23.82 15.74 -0.64
CA GLU A 316 24.12 17.12 -0.36
C GLU A 316 22.81 17.93 -0.61
N ALA A 317 22.30 18.56 0.45
CA ALA A 317 21.19 19.55 0.41
C ALA A 317 21.19 20.51 -0.80
N GLU A 318 22.37 21.12 -1.08
CA GLU A 318 22.66 21.94 -2.31
C GLU A 318 22.30 21.15 -3.57
N LYS A 319 22.78 19.90 -3.64
CA LYS A 319 22.57 18.99 -4.76
C LYS A 319 21.15 18.42 -4.72
N VAL A 320 20.49 18.44 -3.58
CA VAL A 320 19.06 18.05 -3.49
C VAL A 320 18.16 19.25 -3.91
N ALA A 321 18.63 20.45 -3.55
CA ALA A 321 17.94 21.70 -3.87
C ALA A 321 17.96 21.97 -5.37
N ARG A 322 19.07 21.60 -6.03
CA ARG A 322 19.26 21.99 -7.44
C ARG A 322 18.38 21.10 -8.33
N VAL A 323 17.91 19.97 -7.77
CA VAL A 323 16.90 19.13 -8.45
C VAL A 323 15.48 19.70 -8.28
N LYS A 324 15.02 19.80 -7.02
CA LYS A 324 13.73 20.48 -6.70
C LYS A 324 13.55 21.78 -7.51
N ALA A 325 14.58 22.60 -7.46
CA ALA A 325 14.60 23.81 -8.23
C ALA A 325 14.49 23.60 -9.79
N LEU A 326 14.95 22.44 -10.30
CA LEU A 326 14.79 22.10 -11.73
C LEU A 326 13.34 21.67 -12.11
N TYR A 327 12.80 20.83 -11.25
CA TYR A 327 11.45 20.40 -11.38
C TYR A 327 10.55 21.66 -11.40
N GLU A 328 10.79 22.54 -10.42
CA GLU A 328 10.10 23.81 -10.33
C GLU A 328 10.31 24.61 -11.64
N GLU A 329 11.55 24.73 -12.12
CA GLU A 329 11.81 25.45 -13.39
C GLU A 329 10.98 24.81 -14.52
N LEU A 330 10.88 23.47 -14.53
CA LEU A 330 10.00 22.78 -15.52
C LEU A 330 8.44 22.76 -15.26
N ASP A 331 7.95 23.60 -14.33
CA ASP A 331 6.52 23.73 -13.94
C ASP A 331 5.84 22.41 -13.77
N LEU A 332 6.49 21.53 -13.03
CA LEU A 332 5.95 20.21 -12.84
C LEU A 332 4.82 20.24 -11.83
N PRO A 333 4.90 21.10 -10.77
CA PRO A 333 3.69 21.19 -9.91
C PRO A 333 2.39 21.49 -10.68
N ALA A 334 2.52 22.23 -11.77
CA ALA A 334 1.44 22.44 -12.71
C ALA A 334 1.14 21.16 -13.47
N VAL A 335 2.14 20.43 -13.89
CA VAL A 335 1.87 19.18 -14.61
C VAL A 335 1.10 18.16 -13.76
N PHE A 336 1.30 18.26 -12.46
CA PHE A 336 0.64 17.39 -11.52
C PHE A 336 -0.85 17.71 -11.45
N LEU A 337 -1.14 18.97 -11.12
CA LEU A 337 -2.49 19.54 -11.15
C LEU A 337 -3.23 19.15 -12.42
N GLN A 338 -2.64 19.46 -13.56
CA GLN A 338 -3.10 18.94 -14.83
C GLN A 338 -3.39 17.41 -14.81
N TYR A 339 -2.45 16.58 -14.31
CA TYR A 339 -2.66 15.12 -14.24
C TYR A 339 -3.82 14.78 -13.27
N GLU A 340 -3.87 15.45 -12.10
CA GLU A 340 -4.90 15.18 -11.07
C GLU A 340 -6.32 15.46 -11.57
N GLU A 341 -6.45 16.44 -12.45
CA GLU A 341 -7.74 16.79 -13.01
C GLU A 341 -8.21 15.67 -13.94
N ASP A 342 -7.34 15.36 -14.90
CA ASP A 342 -7.65 14.28 -15.86
C ASP A 342 -7.91 12.99 -15.10
N SER A 343 -7.04 12.70 -14.16
CA SER A 343 -7.18 11.52 -13.35
C SER A 343 -8.53 11.49 -12.65
N TYR A 344 -8.93 12.63 -12.10
CA TYR A 344 -10.20 12.68 -11.46
C TYR A 344 -11.37 12.37 -12.43
N SER A 345 -11.41 12.98 -13.60
CA SER A 345 -12.37 12.51 -14.62
C SER A 345 -12.34 11.04 -14.99
N HIS A 346 -11.17 10.48 -15.15
CA HIS A 346 -11.00 9.14 -15.66
C HIS A 346 -11.58 8.21 -14.62
N ILE A 347 -11.31 8.49 -13.35
CA ILE A 347 -11.86 7.67 -12.30
C ILE A 347 -13.37 7.69 -12.28
N MET A 348 -13.94 8.88 -12.32
CA MET A 348 -15.37 8.98 -12.32
C MET A 348 -15.98 8.26 -13.54
N ALA A 349 -15.37 8.46 -14.69
CA ALA A 349 -15.73 7.69 -15.89
C ALA A 349 -15.66 6.20 -15.67
N LEU A 350 -14.54 5.74 -15.10
CA LEU A 350 -14.38 4.32 -14.84
C LEU A 350 -15.45 3.84 -13.92
N ILE A 351 -15.70 4.63 -12.87
CA ILE A 351 -16.72 4.29 -11.92
C ILE A 351 -18.09 4.22 -12.62
N GLU A 352 -18.41 5.25 -13.39
CA GLU A 352 -19.68 5.24 -14.09
C GLU A 352 -19.71 3.97 -14.88
N GLN A 353 -18.64 3.66 -15.58
CA GLN A 353 -18.67 2.52 -16.50
C GLN A 353 -18.60 1.12 -15.85
N TYR A 354 -17.80 0.94 -14.79
CA TYR A 354 -17.56 -0.40 -14.31
C TYR A 354 -18.00 -0.70 -12.85
N ALA A 355 -18.63 0.24 -12.20
CA ALA A 355 -18.92 0.05 -10.80
C ALA A 355 -20.04 -0.95 -10.65
N ALA A 356 -21.01 -0.84 -11.56
CA ALA A 356 -22.18 -1.71 -11.63
C ALA A 356 -21.76 -3.16 -11.70
N PRO A 357 -22.37 -4.03 -10.93
CA PRO A 357 -23.51 -3.72 -10.12
C PRO A 357 -23.10 -3.48 -8.68
N LEU A 358 -21.89 -3.02 -8.42
CA LEU A 358 -21.61 -2.66 -7.04
C LEU A 358 -22.05 -1.23 -6.87
N PRO A 359 -22.42 -0.86 -5.64
CA PRO A 359 -22.73 0.51 -5.35
C PRO A 359 -21.54 1.44 -5.63
N PRO A 360 -21.75 2.45 -6.46
CA PRO A 360 -20.65 3.34 -6.68
C PRO A 360 -20.00 3.85 -5.43
N ALA A 361 -20.71 3.91 -4.34
CA ALA A 361 -20.13 4.40 -3.11
C ALA A 361 -18.88 3.68 -2.58
N VAL A 362 -18.65 2.47 -3.04
CA VAL A 362 -17.53 1.63 -2.62
C VAL A 362 -16.25 2.26 -3.08
N PHE A 363 -16.31 2.60 -4.36
CA PHE A 363 -15.26 3.30 -5.08
C PHE A 363 -15.15 4.78 -4.70
N LEU A 364 -16.29 5.48 -4.57
CA LEU A 364 -16.23 6.89 -4.20
C LEU A 364 -15.68 7.05 -2.82
N GLY A 365 -15.91 6.08 -1.96
CA GLY A 365 -15.46 6.15 -0.58
C GLY A 365 -13.97 6.22 -0.54
N LEU A 366 -13.33 5.54 -1.48
CA LEU A 366 -11.87 5.64 -1.67
C LEU A 366 -11.43 6.88 -2.38
N ALA A 367 -12.07 7.23 -3.48
CA ALA A 367 -11.67 8.43 -4.18
C ALA A 367 -11.73 9.68 -3.23
N ARG A 368 -12.72 9.72 -2.38
CA ARG A 368 -12.79 10.71 -1.36
C ARG A 368 -11.47 10.77 -0.53
N LYS A 369 -10.89 9.64 -0.21
CA LYS A 369 -9.75 9.64 0.69
C LYS A 369 -8.45 10.11 0.00
N ILE A 370 -8.54 10.51 -1.25
CA ILE A 370 -7.39 10.61 -2.09
C ILE A 370 -7.45 12.00 -2.64
N TYR A 371 -8.43 12.28 -3.49
CA TYR A 371 -8.53 13.53 -4.28
C TYR A 371 -8.94 14.90 -3.57
N LYS A 372 -8.33 15.36 -2.44
CA LYS A 372 -8.70 16.69 -1.82
C LYS A 372 -8.75 17.85 -2.87
N ARG A 373 -9.63 18.84 -2.70
CA ARG A 373 -9.90 19.90 -3.75
C ARG A 373 -8.80 20.95 -3.87
P PO4 B . 0.44 2.96 6.62
O1 PO4 B . -0.30 1.82 7.28
O2 PO4 B . -0.18 4.27 7.11
O3 PO4 B . 0.25 2.86 5.13
O4 PO4 B . 1.91 2.95 6.94
CAP 7AM C . -9.06 18.05 -6.98
CAQ 7AM C . -7.77 18.49 -7.25
CAR 7AM C . -7.50 19.22 -8.40
CAU 7AM C . -6.19 19.65 -8.67
CAS 7AM C . -8.53 19.52 -9.28
CAT 7AM C . -9.84 19.09 -9.02
CAK 7AM C . -10.13 18.33 -7.86
CAD 7AM C . -11.41 17.96 -7.58
SAE 7AM C . -12.78 18.21 -8.53
CAC 7AM C . -11.82 17.43 -6.43
C5 7AM C . -13.16 17.19 -6.34
C6 7AM C . -13.87 17.58 -7.44
N1 7AM C . -15.22 17.43 -7.52
C2 7AM C . -15.92 16.86 -6.46
N3 7AM C . -15.16 16.45 -5.35
C4 7AM C . -13.82 16.64 -5.30
N 7AM C . -13.08 16.26 -4.25
CA 7AM C . -13.68 15.98 -2.93
C 7AM C . -13.29 17.08 -1.91
O 7AM C . -12.18 17.64 -1.95
NAN 7AM C . -14.28 17.34 -1.02
PBC 7AM C . -14.13 18.53 0.21
OBD 7AM C . -12.95 18.09 1.26
OBF 7AM C . -13.68 19.93 -0.54
OBE 7AM C . -15.34 18.84 1.04
CB 7AM C . -13.24 14.61 -2.44
CG 7AM C . -14.06 13.65 -3.11
CD1 7AM C . -13.61 13.07 -4.32
CE1 7AM C . -14.39 12.13 -4.99
CZ 7AM C . -15.63 11.75 -4.47
CE2 7AM C . -16.09 12.32 -3.28
CD2 7AM C . -15.30 13.27 -2.60
CAP 7AM D . -6.24 5.72 1.35
CAQ 7AM D . -6.81 4.58 0.76
CAR 7AM D . -6.08 3.39 0.63
CAU 7AM D . -6.66 2.25 0.05
CAS 7AM D . -4.77 3.37 1.10
CAT 7AM D . -4.18 4.50 1.70
CAK 7AM D . -4.89 5.72 1.82
CAD 7AM D . -4.32 6.81 2.44
SAE 7AM D . -2.78 6.82 3.33
CAC 7AM D . -4.86 8.05 2.56
C5 7AM D . -4.15 9.01 3.25
C6 7AM D . -2.97 8.55 3.76
N1 7AM D . -2.15 9.38 4.48
C2 7AM D . -2.47 10.71 4.71
N3 7AM D . -3.67 11.17 4.18
C4 7AM D . -4.49 10.33 3.48
N 7AM D . -5.65 10.81 2.95
CA 7AM D . -6.37 12.01 3.48
C 7AM D . -7.58 11.51 4.28
O 7AM D . -7.61 10.35 4.73
NAN 7AM D . -8.56 12.46 4.46
PBC 7AM D . -9.91 12.13 5.31
OBD 7AM D . -9.43 11.54 6.76
OBF 7AM D . -10.64 13.60 5.61
OBE 7AM D . -10.93 11.20 4.71
CB 7AM D . -6.80 13.01 2.37
CG 7AM D . -5.71 13.62 1.68
CD1 7AM D . -6.05 14.38 0.56
CE1 7AM D . -5.06 15.05 -0.18
CZ 7AM D . -3.72 14.99 0.23
CE2 7AM D . -3.37 14.26 1.36
CD2 7AM D . -4.36 13.59 2.09
#